data_3H1N
#
_entry.id   3H1N
#
_cell.length_a   64.949
_cell.length_b   87.115
_cell.length_c   91.372
_cell.angle_alpha   90.00
_cell.angle_beta   90.00
_cell.angle_gamma   90.00
#
_symmetry.space_group_name_H-M   'P 21 21 21'
#
loop_
_entity.id
_entity.type
_entity.pdbx_description
1 polymer 'Probable glutathione S-transferase'
2 non-polymer 'CHLORIDE ION'
3 non-polymer 1,2-ETHANEDIOL
4 water water
#
_entity_poly.entity_id   1
_entity_poly.type   'polypeptide(L)'
_entity_poly.pdbx_seq_one_letter_code
;(MSE)GHHHHHHSSGRENLYFQG(MSE)AYDLWYWDGIPGRGEFVRLALEAGKIPYRDRAREPGED(MSE)LDD(MSE)R
RRRDTPPFAPPYLVADG(MSE)TIAQTANILLFLGVEHGLAPPDRAGRLWVNQLQLTIADLTAEAHDVHHPVAAGLYYED
QQDVALRRAADFRETR(MSE)PKF(MSE)QYFEQALDRPGGWLTD(MSE)GRWSYADLSLYHVVEGLLHAFPRR(MSE)R
TLVHRYPRL(MSE)ALHARVAELPELRGYLASDRRLPFGDGIFRHYPELDGA
;
_entity_poly.pdbx_strand_id   A,B
#
# COMPACT_ATOMS: atom_id res chain seq x y z
N GLU A 13 -26.91 -25.71 -1.39
CA GLU A 13 -26.54 -24.72 -2.44
C GLU A 13 -26.54 -25.35 -3.85
N ASN A 14 -25.40 -25.27 -4.53
CA ASN A 14 -25.22 -25.86 -5.87
C ASN A 14 -26.15 -25.31 -6.96
N LEU A 15 -26.54 -24.04 -6.82
CA LEU A 15 -27.36 -23.38 -7.85
C LEU A 15 -26.48 -22.88 -9.00
N TYR A 16 -27.07 -22.82 -10.20
CA TYR A 16 -26.33 -22.61 -11.45
C TYR A 16 -25.29 -21.47 -11.48
N PHE A 17 -25.70 -20.26 -11.10
CA PHE A 17 -24.84 -19.07 -11.19
C PHE A 17 -23.49 -19.16 -10.47
N GLN A 18 -23.35 -20.15 -9.59
CA GLN A 18 -22.10 -20.32 -8.84
C GLN A 18 -20.98 -21.02 -9.62
N GLY A 19 -21.22 -21.28 -10.90
CA GLY A 19 -20.16 -21.75 -11.80
C GLY A 19 -19.18 -20.64 -12.14
N ALA A 21 -18.14 -18.50 -9.78
CA ALA A 21 -17.63 -18.09 -8.47
C ALA A 21 -16.12 -17.92 -8.40
N TYR A 22 -15.68 -16.80 -7.83
CA TYR A 22 -14.27 -16.61 -7.56
C TYR A 22 -13.90 -17.33 -6.27
N ASP A 23 -12.63 -17.75 -6.15
CA ASP A 23 -12.13 -18.28 -4.89
C ASP A 23 -11.45 -17.17 -4.09
N LEU A 24 -11.97 -16.90 -2.89
CA LEU A 24 -11.33 -16.00 -1.94
C LEU A 24 -10.58 -16.81 -0.88
N TRP A 25 -9.32 -16.47 -0.68
CA TRP A 25 -8.52 -17.15 0.34
C TRP A 25 -8.06 -16.15 1.41
N TYR A 26 -8.59 -16.32 2.62
CA TYR A 26 -8.16 -15.52 3.77
C TYR A 26 -8.54 -16.29 5.04
N TRP A 27 -7.74 -16.10 6.11
CA TRP A 27 -7.97 -16.79 7.38
C TRP A 27 -9.41 -16.75 7.86
N ASP A 28 -9.87 -17.88 8.38
CA ASP A 28 -11.14 -17.94 9.05
C ASP A 28 -10.96 -17.34 10.46
N GLY A 29 -12.08 -17.00 11.11
CA GLY A 29 -12.04 -16.59 12.52
C GLY A 29 -11.96 -15.11 12.84
N ILE A 30 -11.38 -14.31 11.94
N ILE A 30 -11.55 -14.32 11.85
CA ILE A 30 -11.34 -12.85 12.12
CA ILE A 30 -11.29 -12.90 12.00
C ILE A 30 -11.68 -12.16 10.80
C ILE A 30 -11.72 -12.17 10.73
N PRO A 31 -12.32 -10.97 10.85
CA PRO A 31 -12.59 -10.21 9.61
C PRO A 31 -11.28 -9.89 8.88
N GLY A 32 -10.36 -9.23 9.57
CA GLY A 32 -9.01 -8.97 9.01
C GLY A 32 -9.02 -8.17 7.72
N ARG A 33 -7.97 -8.34 6.90
CA ARG A 33 -7.90 -7.68 5.60
C ARG A 33 -8.90 -8.25 4.62
N GLY A 34 -9.25 -9.52 4.80
CA GLY A 34 -10.17 -10.23 3.92
C GLY A 34 -11.54 -9.56 3.90
N GLU A 35 -11.93 -8.97 5.02
CA GLU A 35 -13.20 -8.27 5.12
C GLU A 35 -13.45 -7.16 4.08
N PHE A 36 -12.41 -6.43 3.70
CA PHE A 36 -12.53 -5.37 2.70
C PHE A 36 -12.95 -5.93 1.33
N VAL A 37 -12.40 -7.09 0.98
CA VAL A 37 -12.74 -7.80 -0.26
C VAL A 37 -14.14 -8.38 -0.17
N ARG A 38 -14.43 -9.03 0.97
CA ARG A 38 -15.71 -9.68 1.20
C ARG A 38 -16.88 -8.69 1.14
N LEU A 39 -16.67 -7.49 1.71
CA LEU A 39 -17.71 -6.44 1.66
C LEU A 39 -18.09 -6.08 0.22
N ALA A 40 -17.09 -5.96 -0.65
CA ALA A 40 -17.33 -5.62 -2.05
C ALA A 40 -18.01 -6.77 -2.80
N LEU A 41 -17.56 -8.00 -2.57
CA LEU A 41 -18.19 -9.17 -3.19
C LEU A 41 -19.65 -9.31 -2.79
N GLU A 42 -19.95 -9.12 -1.51
CA GLU A 42 -21.30 -9.27 -0.99
C GLU A 42 -22.24 -8.16 -1.52
N ALA A 43 -21.81 -6.92 -1.37
CA ALA A 43 -22.60 -5.76 -1.82
C ALA A 43 -22.73 -5.74 -3.35
N GLY A 44 -21.65 -6.14 -4.03
CA GLY A 44 -21.67 -6.27 -5.49
C GLY A 44 -22.47 -7.45 -6.03
N LYS A 45 -22.84 -8.38 -5.14
CA LYS A 45 -23.53 -9.62 -5.53
C LYS A 45 -22.72 -10.40 -6.57
N ILE A 46 -21.43 -10.49 -6.32
CA ILE A 46 -20.48 -11.24 -7.14
C ILE A 46 -20.24 -12.60 -6.47
N PRO A 47 -20.56 -13.70 -7.17
CA PRO A 47 -20.41 -15.04 -6.59
C PRO A 47 -18.97 -15.36 -6.20
N TYR A 48 -18.79 -15.91 -5.01
CA TYR A 48 -17.46 -16.31 -4.55
C TYR A 48 -17.53 -17.44 -3.56
N ARG A 49 -16.40 -18.11 -3.38
CA ARG A 49 -16.26 -19.14 -2.36
C ARG A 49 -15.23 -18.67 -1.35
N ASP A 50 -15.62 -18.69 -0.07
CA ASP A 50 -14.72 -18.34 1.02
C ASP A 50 -13.98 -19.62 1.42
N ARG A 51 -12.93 -19.93 0.65
CA ARG A 51 -12.33 -21.26 0.65
C ARG A 51 -11.79 -21.73 2.01
N ALA A 52 -11.10 -20.85 2.73
CA ALA A 52 -10.49 -21.21 4.02
C ALA A 52 -11.50 -21.46 5.13
N ARG A 53 -12.77 -21.13 4.87
CA ARG A 53 -13.83 -21.35 5.86
C ARG A 53 -14.56 -22.66 5.65
N GLU A 54 -14.23 -23.36 4.56
CA GLU A 54 -14.88 -24.62 4.22
C GLU A 54 -14.26 -25.76 5.01
N PRO A 55 -15.06 -26.80 5.37
CA PRO A 55 -14.60 -27.90 6.23
C PRO A 55 -13.22 -28.46 5.86
N GLY A 56 -13.03 -28.86 4.61
CA GLY A 56 -11.78 -29.50 4.18
C GLY A 56 -10.71 -28.56 3.66
N GLU A 57 -10.71 -27.32 4.16
CA GLU A 57 -9.81 -26.29 3.66
C GLU A 57 -8.34 -26.57 3.96
N ASP A 58 -7.49 -26.17 3.03
CA ASP A 58 -6.05 -26.32 3.18
C ASP A 58 -5.39 -25.12 2.53
N LEU A 60 -2.79 -23.50 3.62
CA LEU A 60 -1.36 -23.79 3.68
C LEU A 60 -0.91 -24.44 2.38
N ASP A 61 -1.56 -25.54 2.00
CA ASP A 61 -1.20 -26.25 0.79
C ASP A 61 -1.51 -25.49 -0.48
N ASP A 62 -2.57 -24.70 -0.46
CA ASP A 62 -2.94 -23.92 -1.64
C ASP A 62 -1.94 -22.82 -1.93
N ARG A 64 1.27 -22.41 -1.09
CA ARG A 64 2.63 -22.79 -1.45
C ARG A 64 2.74 -23.40 -2.86
N ARG A 65 1.59 -23.58 -3.52
CA ARG A 65 1.55 -24.11 -4.89
C ARG A 65 2.33 -23.25 -5.86
N ARG A 66 2.89 -23.88 -6.88
CA ARG A 66 3.58 -23.14 -7.93
C ARG A 66 2.57 -22.34 -8.72
N ARG A 67 2.82 -21.03 -8.75
CA ARG A 67 2.01 -20.10 -9.51
CA ARG A 67 2.01 -20.07 -9.48
C ARG A 67 2.94 -19.19 -10.30
N ASP A 68 2.42 -18.65 -11.41
CA ASP A 68 3.17 -17.68 -12.19
C ASP A 68 3.15 -16.34 -11.43
N THR A 69 2.10 -16.16 -10.64
CA THR A 69 1.93 -14.96 -9.83
C THR A 69 1.61 -15.34 -8.37
N PRO A 70 2.64 -15.75 -7.61
CA PRO A 70 2.46 -16.17 -6.21
C PRO A 70 2.09 -15.01 -5.27
N PRO A 71 1.10 -15.25 -4.40
CA PRO A 71 0.78 -14.31 -3.33
C PRO A 71 1.89 -14.30 -2.28
N PHE A 72 2.22 -13.12 -1.77
CA PHE A 72 3.15 -13.00 -0.64
C PHE A 72 2.44 -13.43 0.63
N ALA A 73 1.17 -13.04 0.74
CA ALA A 73 0.35 -13.33 1.91
C ALA A 73 -1.13 -13.20 1.52
N PRO A 74 -2.04 -13.76 2.34
CA PRO A 74 -3.47 -13.52 2.11
C PRO A 74 -3.82 -12.08 2.44
N PRO A 75 -4.97 -11.57 1.93
CA PRO A 75 -5.93 -12.27 1.06
C PRO A 75 -5.44 -12.42 -0.37
N TYR A 76 -5.90 -13.49 -1.03
CA TYR A 76 -5.79 -13.57 -2.47
C TYR A 76 -7.09 -14.06 -3.12
N LEU A 77 -7.30 -13.69 -4.36
CA LEU A 77 -8.48 -14.01 -5.10
C LEU A 77 -8.12 -14.69 -6.40
N VAL A 78 -8.74 -15.83 -6.64
CA VAL A 78 -8.52 -16.57 -7.87
C VAL A 78 -9.69 -16.28 -8.81
N ALA A 79 -9.39 -15.67 -9.96
CA ALA A 79 -10.40 -15.21 -10.92
C ALA A 79 -9.86 -15.27 -12.34
N ASP A 80 -10.58 -15.97 -13.24
CA ASP A 80 -10.15 -16.15 -14.65
C ASP A 80 -8.75 -16.74 -14.84
N GLY A 81 -8.35 -17.61 -13.93
CA GLY A 81 -7.01 -18.17 -13.99
C GLY A 81 -5.95 -17.22 -13.44
N THR A 83 -4.30 -15.23 -10.22
CA THR A 83 -4.25 -15.22 -8.76
C THR A 83 -3.81 -13.81 -8.35
N ILE A 84 -4.73 -13.09 -7.74
CA ILE A 84 -4.56 -11.67 -7.42
C ILE A 84 -4.44 -11.49 -5.91
N ALA A 85 -3.32 -10.93 -5.48
CA ALA A 85 -3.10 -10.66 -4.05
C ALA A 85 -2.96 -9.15 -3.80
N GLN A 86 -2.80 -8.77 -2.53
CA GLN A 86 -2.85 -7.39 -2.02
C GLN A 86 -4.29 -6.85 -2.04
N THR A 87 -4.82 -6.56 -0.86
CA THR A 87 -6.22 -6.13 -0.71
C THR A 87 -6.61 -5.02 -1.73
N ALA A 88 -5.80 -3.97 -1.83
CA ALA A 88 -6.15 -2.86 -2.75
C ALA A 88 -6.13 -3.30 -4.23
N ASN A 89 -5.24 -4.23 -4.56
CA ASN A 89 -5.09 -4.78 -5.91
C ASN A 89 -6.30 -5.65 -6.29
N ILE A 90 -6.78 -6.46 -5.36
CA ILE A 90 -7.98 -7.27 -5.57
C ILE A 90 -9.20 -6.40 -5.80
N LEU A 91 -9.35 -5.35 -4.99
CA LEU A 91 -10.47 -4.43 -5.14
C LEU A 91 -10.39 -3.61 -6.45
N LEU A 92 -9.18 -3.21 -6.85
CA LEU A 92 -8.95 -2.54 -8.14
C LEU A 92 -9.55 -3.37 -9.29
N PHE A 93 -9.27 -4.69 -9.25
CA PHE A 93 -9.81 -5.64 -10.22
C PHE A 93 -11.33 -5.66 -10.21
N LEU A 94 -11.92 -5.82 -9.02
CA LEU A 94 -13.38 -5.85 -8.87
C LEU A 94 -14.02 -4.53 -9.34
N GLY A 95 -13.36 -3.41 -9.03
CA GLY A 95 -13.79 -2.11 -9.52
C GLY A 95 -13.94 -2.03 -11.04
N VAL A 96 -12.94 -2.51 -11.79
CA VAL A 96 -12.99 -2.47 -13.26
CA VAL A 96 -13.02 -2.44 -13.25
C VAL A 96 -13.94 -3.54 -13.82
N GLU A 97 -13.84 -4.75 -13.27
CA GLU A 97 -14.56 -5.90 -13.80
C GLU A 97 -16.05 -5.83 -13.51
N HIS A 98 -16.40 -5.30 -12.34
CA HIS A 98 -17.79 -5.36 -11.90
C HIS A 98 -18.43 -4.00 -11.62
N GLY A 99 -17.76 -2.92 -12.04
CA GLY A 99 -18.32 -1.58 -11.95
C GLY A 99 -18.45 -1.02 -10.53
N LEU A 100 -17.54 -1.43 -9.65
CA LEU A 100 -17.55 -0.95 -8.25
C LEU A 100 -16.65 0.30 -8.06
N ALA A 101 -16.29 0.88 -9.19
CA ALA A 101 -15.48 2.09 -9.25
C ALA A 101 -15.92 2.82 -10.51
N PRO A 102 -15.63 4.15 -10.60
CA PRO A 102 -16.00 4.95 -11.77
C PRO A 102 -15.50 4.34 -13.09
N PRO A 103 -16.16 4.69 -14.21
CA PRO A 103 -15.80 4.12 -15.51
C PRO A 103 -14.53 4.73 -16.09
N ASP A 104 -14.19 5.95 -15.68
CA ASP A 104 -13.06 6.69 -16.22
C ASP A 104 -11.78 6.47 -15.40
N ARG A 105 -10.62 6.67 -16.05
CA ARG A 105 -9.34 6.56 -15.35
C ARG A 105 -9.18 7.47 -14.14
N ALA A 106 -9.50 8.75 -14.30
CA ALA A 106 -9.38 9.70 -13.18
C ALA A 106 -10.12 9.19 -11.94
N GLY A 107 -11.35 8.73 -12.15
CA GLY A 107 -12.19 8.22 -11.07
C GLY A 107 -11.57 6.97 -10.43
N ARG A 108 -11.09 6.06 -11.26
CA ARG A 108 -10.48 4.81 -10.78
C ARG A 108 -9.19 5.07 -9.99
N LEU A 109 -8.40 6.03 -10.44
CA LEU A 109 -7.16 6.40 -9.75
C LEU A 109 -7.47 7.07 -8.40
N TRP A 110 -8.49 7.92 -8.37
CA TRP A 110 -8.99 8.50 -7.12
C TRP A 110 -9.43 7.39 -6.12
N VAL A 111 -10.27 6.47 -6.58
CA VAL A 111 -10.73 5.37 -5.73
C VAL A 111 -9.54 4.51 -5.28
N ASN A 112 -8.61 4.22 -6.18
CA ASN A 112 -7.42 3.48 -5.79
C ASN A 112 -6.60 4.17 -4.68
N GLN A 113 -6.30 5.46 -4.84
CA GLN A 113 -5.56 6.14 -3.77
C GLN A 113 -6.34 6.21 -2.44
N LEU A 114 -7.66 6.40 -2.50
CA LEU A 114 -8.47 6.35 -1.29
C LEU A 114 -8.33 5.01 -0.59
N GLN A 115 -8.40 3.93 -1.38
CA GLN A 115 -8.28 2.57 -0.83
C GLN A 115 -6.89 2.35 -0.21
N LEU A 116 -5.85 2.84 -0.88
CA LEU A 116 -4.51 2.75 -0.32
C LEU A 116 -4.33 3.56 0.97
N THR A 117 -4.96 4.73 1.04
CA THR A 117 -4.93 5.55 2.25
C THR A 117 -5.67 4.83 3.39
N ILE A 118 -6.80 4.22 3.06
CA ILE A 118 -7.55 3.40 4.02
C ILE A 118 -6.68 2.23 4.51
N ALA A 119 -5.91 1.63 3.60
CA ALA A 119 -5.06 0.48 3.95
C ALA A 119 -3.93 0.94 4.89
N ASP A 120 -3.44 2.16 4.67
CA ASP A 120 -2.40 2.76 5.53
C ASP A 120 -2.92 2.88 6.96
N LEU A 121 -4.11 3.46 7.11
CA LEU A 121 -4.78 3.60 8.42
C LEU A 121 -4.99 2.24 9.08
N THR A 122 -5.46 1.29 8.27
CA THR A 122 -5.72 -0.08 8.71
C THR A 122 -4.44 -0.72 9.24
N ALA A 123 -3.32 -0.54 8.55
CA ALA A 123 -2.05 -1.06 9.00
C ALA A 123 -1.60 -0.42 10.32
N GLU A 124 -1.84 0.89 10.45
CA GLU A 124 -1.51 1.62 11.67
C GLU A 124 -2.34 1.11 12.86
N ALA A 125 -3.60 0.79 12.60
CA ALA A 125 -4.48 0.19 13.61
C ALA A 125 -3.98 -1.17 14.11
N HIS A 126 -3.36 -1.96 13.21
CA HIS A 126 -2.72 -3.20 13.62
C HIS A 126 -1.40 -2.95 14.35
N ASP A 127 -0.59 -2.05 13.82
CA ASP A 127 0.75 -1.82 14.35
C ASP A 127 0.76 -1.15 15.71
N VAL A 128 -0.36 -0.51 16.09
CA VAL A 128 -0.49 0.07 17.43
C VAL A 128 -0.25 -0.98 18.54
N HIS A 129 -0.75 -2.19 18.33
CA HIS A 129 -0.60 -3.29 19.30
C HIS A 129 0.50 -4.30 18.92
N HIS A 130 0.99 -4.21 17.68
CA HIS A 130 2.20 -4.93 17.29
C HIS A 130 3.30 -4.01 16.74
N PRO A 131 3.80 -3.07 17.58
CA PRO A 131 4.77 -2.07 17.09
C PRO A 131 6.20 -2.59 16.89
N VAL A 132 6.55 -3.68 17.57
CA VAL A 132 7.88 -4.24 17.42
C VAL A 132 7.89 -5.29 16.31
N ALA A 133 6.90 -6.18 16.33
CA ALA A 133 6.89 -7.32 15.41
C ALA A 133 5.51 -7.93 15.33
N ALA A 134 5.02 -8.08 14.10
CA ALA A 134 3.75 -8.77 13.85
C ALA A 134 3.77 -10.19 14.42
N GLY A 135 4.94 -10.81 14.42
CA GLY A 135 5.11 -12.19 14.86
C GLY A 135 5.32 -12.44 16.34
N LEU A 136 5.43 -11.37 17.13
CA LEU A 136 5.56 -11.49 18.58
C LEU A 136 4.20 -11.23 19.20
N TYR A 137 3.95 -11.83 20.35
CA TYR A 137 2.70 -11.61 21.08
C TYR A 137 2.59 -10.17 21.58
N TYR A 138 1.36 -9.68 21.62
CA TYR A 138 1.07 -8.35 22.11
C TYR A 138 1.65 -8.16 23.51
N GLU A 139 1.52 -9.18 24.34
CA GLU A 139 1.88 -9.10 25.76
C GLU A 139 3.33 -8.68 25.96
N ASP A 140 4.20 -9.15 25.07
CA ASP A 140 5.64 -8.87 25.18
C ASP A 140 6.05 -7.53 24.55
N GLN A 141 5.08 -6.81 23.99
CA GLN A 141 5.39 -5.50 23.41
C GLN A 141 4.43 -4.42 23.89
N GLN A 142 3.74 -4.72 25.00
CA GLN A 142 2.72 -3.83 25.55
C GLN A 142 3.27 -2.44 25.93
N ASP A 143 4.47 -2.39 26.49
CA ASP A 143 5.07 -1.10 26.89
C ASP A 143 5.27 -0.20 25.68
N VAL A 144 5.77 -0.79 24.58
CA VAL A 144 5.89 -0.08 23.33
C VAL A 144 4.52 0.31 22.78
N ALA A 145 3.55 -0.61 22.85
CA ALA A 145 2.19 -0.34 22.39
C ALA A 145 1.58 0.89 23.07
N LEU A 146 1.84 1.07 24.37
CA LEU A 146 1.30 2.22 25.12
C LEU A 146 1.82 3.53 24.50
N ARG A 147 3.11 3.55 24.16
CA ARG A 147 3.70 4.73 23.54
C ARG A 147 3.17 4.99 22.13
N ARG A 148 3.12 3.95 21.30
CA ARG A 148 2.64 4.12 19.93
C ARG A 148 1.16 4.53 19.91
N ALA A 149 0.36 3.98 20.83
CA ALA A 149 -1.06 4.31 20.90
C ALA A 149 -1.30 5.79 21.19
N ALA A 150 -0.45 6.40 22.02
CA ALA A 150 -0.57 7.83 22.30
C ALA A 150 -0.46 8.64 21.01
N ASP A 151 0.52 8.32 20.16
CA ASP A 151 0.64 8.98 18.87
C ASP A 151 -0.54 8.68 17.93
N PHE A 152 -0.93 7.41 17.87
CA PHE A 152 -1.97 7.00 16.95
C PHE A 152 -3.27 7.73 17.30
N ARG A 153 -3.56 7.84 18.60
CA ARG A 153 -4.77 8.55 19.04
C ARG A 153 -4.67 10.07 18.84
N GLU A 154 -3.50 10.63 19.15
CA GLU A 154 -3.37 12.10 19.22
C GLU A 154 -3.13 12.73 17.85
N THR A 155 -2.34 12.08 16.99
CA THR A 155 -2.01 12.69 15.70
C THR A 155 -2.57 11.91 14.50
N ARG A 156 -2.56 10.58 14.56
CA ARG A 156 -2.83 9.77 13.36
C ARG A 156 -4.32 9.64 13.05
N PRO A 158 -6.90 11.58 14.06
CA PRO A 158 -7.48 12.83 13.53
C PRO A 158 -7.01 13.17 12.10
N LYS A 159 -5.74 12.94 11.79
CA LYS A 159 -5.22 13.25 10.46
C LYS A 159 -5.96 12.49 9.36
N PHE A 160 -6.08 11.18 9.53
CA PHE A 160 -6.77 10.32 8.56
C PHE A 160 -8.24 10.71 8.46
N GLN A 162 -9.82 13.55 9.25
CA GLN A 162 -9.99 14.87 8.61
C GLN A 162 -9.86 14.75 7.09
N TYR A 163 -8.88 13.96 6.64
CA TYR A 163 -8.70 13.70 5.21
C TYR A 163 -9.95 13.12 4.52
N PHE A 164 -10.51 12.08 5.09
CA PHE A 164 -11.73 11.49 4.54
C PHE A 164 -12.92 12.44 4.66
N GLU A 165 -12.94 13.25 5.70
CA GLU A 165 -13.99 14.26 5.82
C GLU A 165 -13.93 15.26 4.65
N GLN A 166 -12.72 15.64 4.27
CA GLN A 166 -12.49 16.52 3.13
C GLN A 166 -12.72 15.83 1.77
N ALA A 167 -12.37 14.56 1.67
CA ALA A 167 -12.67 13.75 0.48
C ALA A 167 -14.16 13.64 0.21
N LEU A 168 -14.96 13.73 1.28
CA LEU A 168 -16.42 13.65 1.19
C LEU A 168 -17.09 15.00 0.95
N ASP A 169 -16.30 16.06 0.72
CA ASP A 169 -16.85 17.39 0.48
C ASP A 169 -17.24 17.56 -1.00
N ARG A 170 -18.38 16.97 -1.34
CA ARG A 170 -18.86 16.90 -2.72
C ARG A 170 -20.34 16.54 -2.71
N PRO A 171 -21.09 16.96 -3.74
CA PRO A 171 -22.52 16.60 -3.78
C PRO A 171 -22.72 15.08 -3.88
N GLY A 172 -23.76 14.59 -3.23
CA GLY A 172 -24.18 13.20 -3.43
C GLY A 172 -23.87 12.20 -2.33
N GLY A 173 -23.04 12.59 -1.36
CA GLY A 173 -22.83 11.79 -0.16
C GLY A 173 -21.93 10.56 -0.25
N TRP A 174 -21.10 10.50 -1.30
CA TRP A 174 -20.15 9.39 -1.43
C TRP A 174 -18.75 9.98 -1.68
N LEU A 175 -17.74 9.10 -1.78
CA LEU A 175 -16.34 9.53 -2.02
C LEU A 175 -16.09 9.94 -3.47
N THR A 176 -16.98 9.52 -4.38
CA THR A 176 -16.83 9.85 -5.79
C THR A 176 -18.08 10.56 -6.34
N ASP A 177 -17.99 11.00 -7.59
CA ASP A 177 -19.13 11.65 -8.25
C ASP A 177 -19.89 10.66 -9.13
N GLY A 179 -22.40 8.66 -8.44
CA GLY A 179 -23.83 8.56 -8.19
C GLY A 179 -24.27 7.31 -7.44
N ARG A 180 -23.29 6.59 -6.89
CA ARG A 180 -23.51 5.38 -6.11
C ARG A 180 -22.23 5.06 -5.34
N TRP A 181 -22.28 4.09 -4.42
CA TRP A 181 -21.10 3.69 -3.66
C TRP A 181 -20.03 3.05 -4.54
N SER A 182 -18.78 3.28 -4.15
CA SER A 182 -17.65 2.60 -4.76
C SER A 182 -17.11 1.66 -3.70
N TYR A 183 -16.17 0.78 -4.07
CA TYR A 183 -15.59 -0.12 -3.05
C TYR A 183 -14.83 0.63 -1.94
N ALA A 184 -14.37 1.83 -2.23
CA ALA A 184 -13.66 2.63 -1.24
C ALA A 184 -14.60 3.16 -0.16
N ASP A 185 -15.86 3.43 -0.54
CA ASP A 185 -16.91 3.80 0.39
C ASP A 185 -17.18 2.67 1.38
N LEU A 186 -17.28 1.44 0.86
CA LEU A 186 -17.40 0.25 1.72
C LEU A 186 -16.21 0.09 2.66
N SER A 187 -15.00 0.26 2.14
CA SER A 187 -13.80 0.12 2.95
C SER A 187 -13.69 1.19 4.03
N LEU A 188 -14.15 2.40 3.71
CA LEU A 188 -14.15 3.52 4.65
C LEU A 188 -15.15 3.25 5.78
N TYR A 189 -16.32 2.73 5.41
CA TYR A 189 -17.26 2.24 6.42
C TYR A 189 -16.58 1.23 7.36
N HIS A 190 -15.84 0.29 6.78
CA HIS A 190 -15.27 -0.78 7.59
C HIS A 190 -14.16 -0.31 8.53
N VAL A 191 -13.29 0.57 8.06
CA VAL A 191 -12.23 1.09 8.93
C VAL A 191 -12.83 1.89 10.11
N VAL A 192 -13.92 2.60 9.86
CA VAL A 192 -14.64 3.29 10.93
C VAL A 192 -15.23 2.28 11.94
N GLU A 193 -15.84 1.21 11.44
CA GLU A 193 -16.29 0.11 12.30
C GLU A 193 -15.17 -0.47 13.17
N GLY A 194 -14.01 -0.67 12.56
CA GLY A 194 -12.83 -1.15 13.25
C GLY A 194 -12.36 -0.23 14.35
N LEU A 195 -12.33 1.07 14.05
CA LEU A 195 -11.88 2.06 15.03
C LEU A 195 -12.89 2.22 16.17
N LEU A 196 -14.19 2.12 15.86
CA LEU A 196 -15.24 2.14 16.88
C LEU A 196 -15.13 0.99 17.87
N HIS A 197 -14.68 -0.16 17.36
CA HIS A 197 -14.44 -1.33 18.18
C HIS A 197 -13.18 -1.21 19.04
N ALA A 198 -12.06 -0.86 18.39
CA ALA A 198 -10.74 -0.85 19.03
C ALA A 198 -10.48 0.37 19.93
N PHE A 199 -11.02 1.52 19.53
CA PHE A 199 -10.84 2.79 20.27
C PHE A 199 -12.18 3.51 20.56
N PRO A 200 -13.09 2.87 21.33
CA PRO A 200 -14.41 3.52 21.54
C PRO A 200 -14.37 4.88 22.26
N ARG A 201 -13.49 5.02 23.25
CA ARG A 201 -13.35 6.28 23.99
C ARG A 201 -12.80 7.39 23.10
N ARG A 202 -11.78 7.09 22.30
CA ARG A 202 -11.20 8.12 21.43
C ARG A 202 -12.18 8.55 20.33
N ARG A 204 -15.41 8.40 20.61
CA ARG A 204 -16.43 9.21 21.31
C ARG A 204 -16.02 10.69 21.34
N THR A 205 -14.72 10.94 21.55
CA THR A 205 -14.22 12.30 21.54
C THR A 205 -14.28 12.89 20.11
N LEU A 206 -13.87 12.09 19.13
CA LEU A 206 -13.56 12.59 17.79
C LEU A 206 -14.73 12.70 16.81
N VAL A 207 -15.73 11.84 16.94
CA VAL A 207 -16.78 11.74 15.89
C VAL A 207 -17.50 13.06 15.55
N HIS A 208 -17.71 13.94 16.54
CA HIS A 208 -18.34 15.25 16.31
C HIS A 208 -17.62 16.10 15.26
N ARG A 209 -16.29 15.93 15.14
CA ARG A 209 -15.49 16.65 14.14
C ARG A 209 -15.78 16.26 12.71
N TYR A 210 -16.31 15.06 12.51
CA TYR A 210 -16.38 14.49 11.16
C TYR A 210 -17.78 14.04 10.79
N PRO A 211 -18.72 15.00 10.63
CA PRO A 211 -20.11 14.61 10.37
C PRO A 211 -20.32 13.93 9.01
N ARG A 212 -19.56 14.32 7.98
CA ARG A 212 -19.70 13.66 6.68
C ARG A 212 -19.20 12.22 6.73
N LEU A 213 -18.09 12.01 7.42
CA LEU A 213 -17.54 10.66 7.59
C LEU A 213 -18.55 9.77 8.33
N ALA A 215 -21.81 10.22 8.56
CA ALA A 215 -22.99 10.05 7.71
C ALA A 215 -22.74 8.95 6.68
N LEU A 216 -21.52 8.93 6.13
CA LEU A 216 -21.09 7.90 5.20
C LEU A 216 -21.14 6.54 5.90
N HIS A 217 -20.55 6.47 7.10
CA HIS A 217 -20.52 5.23 7.87
C HIS A 217 -21.92 4.68 8.10
N ALA A 218 -22.84 5.56 8.51
CA ALA A 218 -24.23 5.18 8.75
C ALA A 218 -24.97 4.72 7.49
N ARG A 219 -24.70 5.41 6.38
CA ARG A 219 -25.33 5.14 5.10
C ARG A 219 -24.96 3.75 4.54
N VAL A 220 -23.67 3.40 4.61
CA VAL A 220 -23.20 2.06 4.19
C VAL A 220 -23.82 0.95 5.07
N ALA A 221 -23.87 1.18 6.39
CA ALA A 221 -24.46 0.21 7.32
C ALA A 221 -25.88 -0.15 6.94
N GLU A 222 -26.61 0.83 6.38
CA GLU A 222 -28.02 0.64 5.99
C GLU A 222 -28.25 0.31 4.50
N LEU A 223 -27.19 0.12 3.72
CA LEU A 223 -27.36 -0.27 2.31
C LEU A 223 -28.19 -1.55 2.16
N PRO A 224 -29.25 -1.51 1.31
CA PRO A 224 -29.97 -2.75 1.02
C PRO A 224 -29.08 -3.90 0.58
N GLU A 225 -28.05 -3.59 -0.22
CA GLU A 225 -27.07 -4.57 -0.71
C GLU A 225 -26.35 -5.34 0.40
N LEU A 226 -26.21 -4.72 1.57
CA LEU A 226 -25.40 -5.28 2.65
C LEU A 226 -26.22 -5.77 3.85
N ARG A 227 -27.51 -5.47 3.83
CA ARG A 227 -28.41 -5.88 4.90
C ARG A 227 -28.19 -7.35 5.27
N GLY A 228 -28.35 -8.23 4.28
CA GLY A 228 -28.30 -9.67 4.50
C GLY A 228 -26.98 -10.12 5.08
N TYR A 229 -25.88 -9.71 4.43
CA TYR A 229 -24.54 -10.10 4.86
C TYR A 229 -24.18 -9.67 6.28
N LEU A 230 -24.42 -8.40 6.61
CA LEU A 230 -24.05 -7.88 7.93
C LEU A 230 -24.83 -8.55 9.08
N ALA A 231 -26.02 -9.04 8.79
CA ALA A 231 -26.83 -9.75 9.78
C ALA A 231 -26.58 -11.26 9.76
N SER A 232 -25.65 -11.71 8.91
CA SER A 232 -25.45 -13.14 8.67
C SER A 232 -24.30 -13.74 9.50
N ASP A 233 -24.22 -15.07 9.49
CA ASP A 233 -23.09 -15.78 10.11
C ASP A 233 -21.78 -15.63 9.35
N ARG A 234 -21.85 -15.08 8.13
CA ARG A 234 -20.64 -14.83 7.34
C ARG A 234 -19.87 -13.60 7.82
N ARG A 235 -20.57 -12.69 8.52
CA ARG A 235 -19.92 -11.52 9.07
C ARG A 235 -19.36 -11.83 10.46
N LEU A 236 -18.04 -11.97 10.56
CA LEU A 236 -17.42 -12.32 11.84
C LEU A 236 -17.22 -11.07 12.70
N PRO A 237 -17.35 -11.20 14.05
CA PRO A 237 -17.07 -10.02 14.86
C PRO A 237 -15.57 -9.78 14.98
N PHE A 238 -15.17 -8.56 15.35
CA PHE A 238 -13.77 -8.27 15.67
C PHE A 238 -13.32 -9.09 16.88
N GLY A 239 -12.02 -9.33 16.98
CA GLY A 239 -11.49 -10.12 18.09
C GLY A 239 -9.99 -9.91 18.14
N ASP A 240 -9.24 -10.91 17.70
CA ASP A 240 -7.77 -10.77 17.74
C ASP A 240 -7.16 -10.62 16.35
N GLY A 241 -7.76 -9.75 15.55
CA GLY A 241 -7.25 -9.47 14.20
C GLY A 241 -6.51 -8.15 14.16
N ILE A 242 -6.85 -7.35 13.15
CA ILE A 242 -6.28 -6.01 13.01
C ILE A 242 -6.80 -5.07 14.10
N PHE A 243 -8.11 -5.02 14.25
CA PHE A 243 -8.78 -4.09 15.17
C PHE A 243 -9.07 -4.82 16.48
N ARG A 244 -8.28 -4.49 17.50
CA ARG A 244 -8.39 -5.13 18.80
C ARG A 244 -8.70 -4.09 19.85
N HIS A 245 -9.70 -4.39 20.67
CA HIS A 245 -9.98 -3.55 21.82
C HIS A 245 -9.11 -3.85 23.06
N TYR A 246 -8.00 -3.15 23.20
CA TYR A 246 -7.21 -3.13 24.42
C TYR A 246 -7.48 -1.81 25.14
N PRO A 247 -8.27 -1.83 26.24
CA PRO A 247 -8.61 -0.55 26.85
C PRO A 247 -7.39 0.28 27.26
N GLU A 248 -6.26 -0.36 27.52
CA GLU A 248 -5.04 0.34 27.93
C GLU A 248 -4.46 1.19 26.78
N LEU A 249 -4.86 0.90 25.55
CA LEU A 249 -4.38 1.65 24.40
C LEU A 249 -5.37 2.75 23.98
N ASP A 250 -6.57 2.69 24.53
CA ASP A 250 -7.61 3.69 24.26
C ASP A 250 -7.41 4.91 25.19
N GLY A 251 -8.13 5.99 24.93
CA GLY A 251 -8.07 7.18 25.75
C GLY A 251 -8.92 8.28 25.14
N ALA A 252 -9.38 9.22 25.97
CA ALA A 252 -10.21 10.34 25.51
C ALA A 252 -9.51 11.15 24.43
N GLY B 11 16.99 15.41 -33.64
CA GLY B 11 18.17 15.63 -32.76
C GLY B 11 18.17 14.79 -31.49
N ARG B 12 19.34 14.66 -30.87
CA ARG B 12 19.54 13.82 -29.69
C ARG B 12 18.62 14.16 -28.51
N GLU B 13 18.64 15.42 -28.09
CA GLU B 13 17.92 15.86 -26.90
C GLU B 13 16.41 15.98 -27.15
N ASN B 14 15.62 15.30 -26.33
CA ASN B 14 14.17 15.35 -26.42
C ASN B 14 13.60 16.64 -25.83
N LEU B 15 12.98 17.44 -26.68
CA LEU B 15 12.43 18.73 -26.26
C LEU B 15 10.95 18.65 -25.93
N TYR B 16 10.46 19.60 -25.16
CA TYR B 16 9.03 19.71 -24.90
C TYR B 16 8.61 21.16 -24.66
N PHE B 17 7.41 21.50 -25.12
CA PHE B 17 6.86 22.84 -24.94
C PHE B 17 6.31 23.02 -23.52
N GLN B 18 5.99 24.27 -23.19
CA GLN B 18 5.37 24.64 -21.91
C GLN B 18 4.10 23.83 -21.68
N GLY B 19 3.98 23.23 -20.49
CA GLY B 19 2.76 22.53 -20.10
C GLY B 19 2.74 21.04 -20.44
N ALA B 21 5.42 18.85 -19.55
CA ALA B 21 6.00 18.12 -18.43
C ALA B 21 4.98 17.89 -17.33
N TYR B 22 4.99 16.69 -16.77
CA TYR B 22 4.21 16.40 -15.57
C TYR B 22 4.88 17.13 -14.40
N ASP B 23 4.10 17.49 -13.39
CA ASP B 23 4.69 18.08 -12.18
C ASP B 23 4.75 17.05 -11.04
N LEU B 24 5.98 16.67 -10.67
CA LEU B 24 6.20 15.79 -9.52
C LEU B 24 6.41 16.64 -8.29
N TRP B 25 5.61 16.38 -7.25
CA TRP B 25 5.74 17.09 -5.98
C TRP B 25 6.18 16.10 -4.89
N TYR B 26 7.43 16.22 -4.45
CA TYR B 26 7.96 15.42 -3.34
C TYR B 26 9.05 16.17 -2.58
N TRP B 27 9.17 15.88 -1.28
CA TRP B 27 10.20 16.49 -0.41
C TRP B 27 11.57 16.52 -1.06
N ASP B 28 12.26 17.65 -0.93
CA ASP B 28 13.66 17.77 -1.34
C ASP B 28 14.52 17.17 -0.22
N GLY B 29 15.78 16.88 -0.50
CA GLY B 29 16.73 16.48 0.54
C GLY B 29 17.04 15.01 0.70
N ILE B 30 16.03 14.16 0.48
CA ILE B 30 16.13 12.70 0.60
C ILE B 30 15.56 12.07 -0.69
N PRO B 31 16.04 10.85 -1.07
CA PRO B 31 15.39 10.19 -2.21
C PRO B 31 13.95 9.85 -1.85
N GLY B 32 13.76 9.27 -0.67
CA GLY B 32 12.41 9.00 -0.12
C GLY B 32 11.46 8.22 -1.03
N ARG B 33 10.16 8.41 -0.84
CA ARG B 33 9.14 7.74 -1.66
CA ARG B 33 9.16 7.73 -1.68
C ARG B 33 9.13 8.28 -3.10
N GLY B 34 9.54 9.53 -3.26
CA GLY B 34 9.53 10.17 -4.56
C GLY B 34 10.47 9.49 -5.55
N GLU B 35 11.52 8.88 -5.02
CA GLU B 35 12.51 8.19 -5.84
C GLU B 35 11.93 7.08 -6.70
N PHE B 36 10.91 6.37 -6.22
CA PHE B 36 10.29 5.32 -7.02
C PHE B 36 9.63 5.91 -8.28
N VAL B 37 9.02 7.07 -8.12
CA VAL B 37 8.38 7.76 -9.24
C VAL B 37 9.43 8.34 -10.19
N ARG B 38 10.45 8.97 -9.61
CA ARG B 38 11.51 9.64 -10.35
C ARG B 38 12.27 8.65 -11.23
N LEU B 39 12.55 7.45 -10.71
CA LEU B 39 13.22 6.41 -11.53
C LEU B 39 12.41 6.04 -12.77
N ALA B 40 11.10 5.85 -12.60
CA ALA B 40 10.24 5.50 -13.73
C ALA B 40 10.15 6.59 -14.79
N LEU B 41 10.03 7.86 -14.35
CA LEU B 41 9.91 8.98 -15.28
C LEU B 41 11.22 9.15 -16.02
N GLU B 42 12.32 9.00 -15.29
CA GLU B 42 13.65 9.13 -15.89
C GLU B 42 13.94 8.03 -16.91
N ALA B 43 13.76 6.78 -16.50
CA ALA B 43 14.03 5.63 -17.38
C ALA B 43 13.05 5.54 -18.55
N GLY B 44 11.80 5.91 -18.31
CA GLY B 44 10.79 5.96 -19.37
C GLY B 44 10.87 7.19 -20.26
N LYS B 45 11.78 8.10 -19.96
CA LYS B 45 11.96 9.39 -20.67
C LYS B 45 10.64 10.18 -20.79
N ILE B 46 9.94 10.28 -19.67
CA ILE B 46 8.71 11.05 -19.58
C ILE B 46 9.06 12.40 -18.96
N PRO B 47 8.86 13.50 -19.71
CA PRO B 47 9.19 14.83 -19.19
C PRO B 47 8.46 15.19 -17.90
N TYR B 48 9.20 15.71 -16.93
CA TYR B 48 8.62 16.08 -15.64
C TYR B 48 9.45 17.19 -15.00
N ARG B 49 8.81 17.92 -14.08
CA ARG B 49 9.51 18.93 -13.30
C ARG B 49 9.44 18.50 -11.84
N ASP B 50 10.62 18.46 -11.20
CA ASP B 50 10.73 18.15 -9.78
C ASP B 50 10.50 19.46 -9.02
N ARG B 51 9.22 19.80 -8.87
CA ARG B 51 8.82 21.16 -8.52
C ARG B 51 9.35 21.65 -7.17
N ALA B 52 9.36 20.76 -6.18
CA ALA B 52 9.74 21.14 -4.82
C ALA B 52 11.23 21.45 -4.66
N ARG B 53 12.02 21.12 -5.69
CA ARG B 53 13.45 21.39 -5.68
C ARG B 53 13.78 22.72 -6.38
N GLU B 54 12.78 23.30 -7.05
CA GLU B 54 12.97 24.54 -7.80
C GLU B 54 12.82 25.73 -6.86
N PRO B 55 13.71 26.75 -6.99
CA PRO B 55 13.68 27.94 -6.14
C PRO B 55 12.34 28.64 -6.15
N GLY B 56 11.82 28.94 -4.97
CA GLY B 56 10.60 29.73 -4.83
C GLY B 56 9.30 28.94 -4.81
N GLU B 57 9.36 27.65 -5.14
CA GLU B 57 8.17 26.79 -5.12
C GLU B 57 7.85 26.34 -3.70
N ASP B 58 6.57 26.31 -3.36
CA ASP B 58 6.13 25.92 -2.03
C ASP B 58 5.15 24.76 -2.11
N LEU B 60 3.88 22.72 0.33
CA LEU B 60 2.83 22.77 1.35
C LEU B 60 1.70 23.69 0.91
N ASP B 61 2.07 24.82 0.30
CA ASP B 61 1.09 25.74 -0.31
C ASP B 61 0.36 25.07 -1.46
N ASP B 62 1.13 24.43 -2.35
CA ASP B 62 0.54 23.77 -3.51
C ASP B 62 -0.47 22.71 -3.10
N ARG B 64 -2.29 22.50 -0.38
CA ARG B 64 -3.49 23.13 0.19
C ARG B 64 -4.59 23.43 -0.83
N ARG B 65 -4.18 23.82 -2.03
CA ARG B 65 -5.12 24.24 -3.07
CA ARG B 65 -5.10 24.24 -3.08
C ARG B 65 -5.71 23.05 -3.81
N ARG B 66 -5.07 21.90 -3.67
CA ARG B 66 -5.46 20.66 -4.35
C ARG B 66 -6.75 20.11 -3.78
N ARG B 67 -7.88 20.57 -4.31
CA ARG B 67 -9.18 20.36 -3.66
C ARG B 67 -10.12 19.27 -4.20
N ASP B 68 -10.10 19.00 -5.50
CA ASP B 68 -10.99 17.96 -6.08
C ASP B 68 -10.54 16.54 -5.71
N THR B 69 -9.26 16.24 -5.94
CA THR B 69 -8.65 14.96 -5.52
C THR B 69 -7.39 15.24 -4.68
N PRO B 70 -7.59 15.66 -3.42
CA PRO B 70 -6.44 16.02 -2.58
C PRO B 70 -5.56 14.82 -2.25
N PRO B 71 -4.22 14.99 -2.31
CA PRO B 71 -3.30 13.99 -1.81
C PRO B 71 -3.33 13.97 -0.29
N PHE B 72 -3.19 12.79 0.29
CA PHE B 72 -3.01 12.68 1.75
C PHE B 72 -1.61 13.21 2.14
N ALA B 73 -0.64 12.88 1.31
CA ALA B 73 0.76 13.23 1.58
C ALA B 73 1.52 13.12 0.28
N PRO B 74 2.72 13.72 0.21
CA PRO B 74 3.62 13.53 -0.92
C PRO B 74 4.10 12.08 -0.96
N PRO B 75 4.47 11.57 -2.15
CA PRO B 75 4.49 12.27 -3.44
C PRO B 75 3.13 12.35 -4.12
N TYR B 76 2.98 13.37 -4.97
CA TYR B 76 1.85 13.44 -5.89
C TYR B 76 2.33 13.97 -7.25
N LEU B 77 1.61 13.59 -8.27
CA LEU B 77 1.91 13.89 -9.64
C LEU B 77 0.73 14.60 -10.26
N VAL B 78 1.00 15.76 -10.78
CA VAL B 78 0.00 16.52 -11.53
C VAL B 78 0.27 16.29 -13.02
N ALA B 79 -0.66 15.58 -13.65
CA ALA B 79 -0.48 15.05 -15.01
C ALA B 79 -1.83 15.03 -15.69
N ASP B 80 -1.90 15.60 -16.89
CA ASP B 80 -3.06 15.41 -17.75
C ASP B 80 -4.37 15.74 -17.03
N GLY B 81 -4.35 16.83 -16.26
CA GLY B 81 -5.54 17.32 -15.57
C GLY B 81 -5.85 16.64 -14.25
N THR B 83 -4.58 15.12 -10.33
CA THR B 83 -3.63 15.11 -9.23
C THR B 83 -3.63 13.72 -8.65
N ILE B 84 -2.52 12.99 -8.83
CA ILE B 84 -2.47 11.58 -8.50
C ILE B 84 -1.50 11.38 -7.34
N ALA B 85 -2.00 10.79 -6.25
CA ALA B 85 -1.15 10.51 -5.09
C ALA B 85 -1.10 9.03 -4.75
N GLN B 86 -0.25 8.67 -3.78
CA GLN B 86 0.16 7.29 -3.47
C GLN B 86 1.14 6.76 -4.52
N THR B 87 2.35 6.45 -4.07
CA THR B 87 3.44 6.04 -4.96
C THR B 87 3.01 4.93 -5.93
N ALA B 88 2.39 3.87 -5.42
CA ALA B 88 1.93 2.75 -6.25
C ALA B 88 0.85 3.16 -7.28
N ASN B 89 0.00 4.11 -6.89
CA ASN B 89 -1.06 4.66 -7.75
C ASN B 89 -0.47 5.52 -8.88
N ILE B 90 0.46 6.41 -8.54
CA ILE B 90 1.18 7.20 -9.56
C ILE B 90 1.78 6.25 -10.58
N LEU B 91 2.45 5.20 -10.10
CA LEU B 91 3.16 4.28 -10.99
C LEU B 91 2.19 3.45 -11.85
N LEU B 92 1.08 3.01 -11.25
CA LEU B 92 -0.01 2.36 -12.00
C LEU B 92 -0.45 3.18 -13.25
N PHE B 93 -0.59 4.50 -13.08
CA PHE B 93 -0.94 5.37 -14.19
C PHE B 93 0.15 5.35 -15.26
N LEU B 94 1.40 5.47 -14.83
CA LEU B 94 2.53 5.48 -15.78
C LEU B 94 2.66 4.16 -16.53
N GLY B 95 2.37 3.07 -15.82
CA GLY B 95 2.38 1.74 -16.41
C GLY B 95 1.34 1.57 -17.51
N VAL B 96 0.15 2.10 -17.29
CA VAL B 96 -0.94 1.96 -18.25
C VAL B 96 -0.77 2.93 -19.41
N GLU B 97 -0.39 4.16 -19.13
CA GLU B 97 -0.42 5.20 -20.15
C GLU B 97 0.88 5.30 -20.94
N HIS B 98 2.01 4.97 -20.32
CA HIS B 98 3.32 5.03 -20.99
C HIS B 98 3.99 3.68 -21.21
N GLY B 99 3.25 2.59 -21.00
CA GLY B 99 3.79 1.26 -21.29
C GLY B 99 4.92 0.81 -20.36
N LEU B 100 4.91 1.28 -19.12
CA LEU B 100 5.91 0.85 -18.12
C LEU B 100 5.46 -0.42 -17.38
N ALA B 101 4.38 -1.01 -17.86
CA ALA B 101 3.85 -2.26 -17.33
C ALA B 101 3.23 -3.03 -18.48
N PRO B 102 2.96 -4.35 -18.29
CA PRO B 102 2.43 -5.18 -19.37
C PRO B 102 1.13 -4.62 -19.96
N PRO B 103 0.83 -4.96 -21.23
CA PRO B 103 -0.38 -4.43 -21.87
C PRO B 103 -1.65 -5.14 -21.42
N ASP B 104 -1.49 -6.33 -20.81
CA ASP B 104 -2.61 -7.17 -20.45
C ASP B 104 -3.02 -6.99 -18.99
N ARG B 105 -4.28 -7.33 -18.71
CA ARG B 105 -4.88 -7.15 -17.40
CA ARG B 105 -4.86 -7.13 -17.39
C ARG B 105 -4.10 -7.89 -16.31
N ALA B 106 -3.86 -9.19 -16.53
CA ALA B 106 -3.16 -10.01 -15.54
C ALA B 106 -1.77 -9.49 -15.25
N GLY B 107 -1.07 -9.03 -16.29
CA GLY B 107 0.28 -8.51 -16.12
C GLY B 107 0.30 -7.21 -15.32
N ARG B 108 -0.71 -6.36 -15.53
CA ARG B 108 -0.85 -5.09 -14.82
C ARG B 108 -1.13 -5.31 -13.35
N LEU B 109 -2.06 -6.24 -13.06
CA LEU B 109 -2.37 -6.60 -11.69
C LEU B 109 -1.17 -7.19 -10.96
N TRP B 110 -0.38 -8.00 -11.68
CA TRP B 110 0.84 -8.61 -11.13
C TRP B 110 1.87 -7.54 -10.78
N VAL B 111 2.11 -6.62 -11.70
CA VAL B 111 3.02 -5.51 -11.44
C VAL B 111 2.55 -4.64 -10.26
N ASN B 112 1.24 -4.37 -10.21
CA ASN B 112 0.67 -3.58 -9.14
C ASN B 112 0.88 -4.24 -7.77
N GLN B 113 0.64 -5.54 -7.67
CA GLN B 113 0.86 -6.20 -6.38
C GLN B 113 2.33 -6.30 -6.01
N LEU B 114 3.19 -6.50 -7.00
CA LEU B 114 4.64 -6.46 -6.74
C LEU B 114 5.04 -5.09 -6.18
N GLN B 115 4.56 -4.02 -6.81
CA GLN B 115 4.82 -2.67 -6.32
C GLN B 115 4.31 -2.43 -4.90
N LEU B 116 3.12 -2.93 -4.60
CA LEU B 116 2.57 -2.76 -3.26
C LEU B 116 3.39 -3.53 -2.23
N THR B 117 3.99 -4.64 -2.66
CA THR B 117 4.80 -5.50 -1.79
C THR B 117 6.13 -4.82 -1.55
N ILE B 118 6.65 -4.21 -2.61
CA ILE B 118 7.84 -3.37 -2.47
C ILE B 118 7.60 -2.21 -1.50
N ALA B 119 6.41 -1.60 -1.60
CA ALA B 119 6.02 -0.51 -0.73
C ALA B 119 5.91 -0.99 0.73
N ASP B 120 5.41 -2.22 0.95
CA ASP B 120 5.39 -2.81 2.31
C ASP B 120 6.80 -2.90 2.91
N LEU B 121 7.76 -3.43 2.14
CA LEU B 121 9.13 -3.55 2.59
C LEU B 121 9.77 -2.20 2.88
N THR B 122 9.52 -1.24 1.99
CA THR B 122 10.00 0.13 2.11
C THR B 122 9.48 0.79 3.41
N ALA B 123 8.18 0.67 3.68
CA ALA B 123 7.63 1.20 4.92
C ALA B 123 8.24 0.53 6.17
N GLU B 124 8.51 -0.78 6.06
CA GLU B 124 9.15 -1.51 7.16
C GLU B 124 10.58 -1.02 7.37
N ALA B 125 11.27 -0.68 6.28
CA ALA B 125 12.63 -0.11 6.38
C ALA B 125 12.63 1.26 7.08
N HIS B 126 11.51 1.97 6.99
CA HIS B 126 11.35 3.24 7.69
C HIS B 126 10.97 3.01 9.13
N ASP B 127 10.01 2.12 9.32
CA ASP B 127 9.47 1.89 10.64
C ASP B 127 10.49 1.21 11.59
N VAL B 128 11.57 0.64 11.06
CA VAL B 128 12.58 0.03 11.92
CA VAL B 128 12.59 0.04 11.93
C VAL B 128 13.19 1.08 12.86
N HIS B 129 13.38 2.31 12.36
CA HIS B 129 13.95 3.41 13.14
C HIS B 129 12.93 4.39 13.69
N HIS B 130 11.69 4.29 13.21
CA HIS B 130 10.57 5.03 13.76
C HIS B 130 9.40 4.10 14.14
N PRO B 131 9.66 3.17 15.07
CA PRO B 131 8.65 2.17 15.42
C PRO B 131 7.51 2.71 16.28
N VAL B 132 7.74 3.83 16.96
CA VAL B 132 6.73 4.43 17.82
C VAL B 132 5.91 5.48 17.06
N ALA B 133 6.61 6.38 16.36
CA ALA B 133 5.96 7.51 15.71
C ALA B 133 6.84 8.10 14.62
N ALA B 134 6.26 8.27 13.43
CA ALA B 134 6.95 8.88 12.30
C ALA B 134 7.32 10.33 12.63
N GLY B 135 6.50 10.96 13.48
CA GLY B 135 6.72 12.35 13.86
C GLY B 135 7.69 12.61 14.98
N LEU B 136 8.24 11.57 15.61
CA LEU B 136 9.21 11.76 16.71
C LEU B 136 10.60 11.38 16.26
N TYR B 137 11.62 11.93 16.92
CA TYR B 137 13.01 11.69 16.51
C TYR B 137 13.44 10.27 16.82
N TYR B 138 14.36 9.77 16.00
CA TYR B 138 14.92 8.44 16.19
C TYR B 138 15.49 8.28 17.61
N GLU B 139 16.24 9.27 18.07
CA GLU B 139 16.93 9.18 19.36
C GLU B 139 15.97 8.89 20.52
N ASP B 140 14.73 9.36 20.40
CA ASP B 140 13.75 9.19 21.46
C ASP B 140 13.04 7.83 21.42
N GLN B 141 13.30 7.05 20.39
CA GLN B 141 12.70 5.72 20.26
C GLN B 141 13.75 4.67 19.88
N GLN B 142 15.01 4.95 20.23
CA GLN B 142 16.12 4.06 19.88
C GLN B 142 16.04 2.67 20.51
N ASP B 143 15.65 2.59 21.78
CA ASP B 143 15.51 1.30 22.46
C ASP B 143 14.50 0.39 21.75
N VAL B 144 13.39 0.99 21.34
CA VAL B 144 12.36 0.27 20.59
C VAL B 144 12.93 -0.13 19.21
N ALA B 145 13.64 0.78 18.57
CA ALA B 145 14.26 0.51 17.27
C ALA B 145 15.17 -0.72 17.31
N LEU B 146 15.95 -0.88 18.38
CA LEU B 146 16.83 -2.04 18.52
C LEU B 146 16.04 -3.36 18.49
N ARG B 147 14.88 -3.36 19.14
CA ARG B 147 13.99 -4.51 19.18
C ARG B 147 13.37 -4.79 17.82
N ARG B 148 12.80 -3.75 17.21
CA ARG B 148 12.22 -3.89 15.87
C ARG B 148 13.24 -4.34 14.82
N ALA B 149 14.46 -3.77 14.88
CA ALA B 149 15.54 -4.13 13.96
C ALA B 149 15.90 -5.62 13.99
N ALA B 150 15.91 -6.21 15.18
CA ALA B 150 16.23 -7.63 15.31
C ALA B 150 15.23 -8.47 14.50
N ASP B 151 13.95 -8.15 14.55
CA ASP B 151 12.94 -8.86 13.75
C ASP B 151 13.04 -8.56 12.25
N PHE B 152 13.30 -7.30 11.91
CA PHE B 152 13.36 -6.91 10.51
C PHE B 152 14.52 -7.65 9.84
N ARG B 153 15.67 -7.68 10.52
CA ARG B 153 16.85 -8.38 9.99
C ARG B 153 16.61 -9.89 9.92
N GLU B 154 16.07 -10.45 11.01
CA GLU B 154 15.99 -11.91 11.19
C GLU B 154 14.88 -12.56 10.38
N THR B 155 13.70 -11.94 10.35
CA THR B 155 12.58 -12.58 9.66
C THR B 155 12.08 -11.84 8.42
N ARG B 156 12.01 -10.52 8.48
CA ARG B 156 11.32 -9.74 7.43
C ARG B 156 12.12 -9.61 6.15
N PRO B 158 14.70 -11.39 4.98
CA PRO B 158 14.78 -12.61 4.15
C PRO B 158 13.43 -13.05 3.55
N LYS B 159 12.32 -12.81 4.24
CA LYS B 159 11.03 -13.18 3.68
C LYS B 159 10.71 -12.43 2.37
N PHE B 160 10.81 -11.11 2.41
CA PHE B 160 10.65 -10.28 1.22
C PHE B 160 11.64 -10.63 0.12
N GLN B 162 13.42 -13.45 -0.43
CA GLN B 162 13.07 -14.77 -0.98
C GLN B 162 11.86 -14.68 -1.90
N TYR B 163 10.87 -13.88 -1.50
CA TYR B 163 9.69 -13.67 -2.33
C TYR B 163 10.06 -13.12 -3.70
N PHE B 164 10.88 -12.07 -3.72
CA PHE B 164 11.31 -11.51 -5.00
C PHE B 164 12.16 -12.47 -5.81
N GLU B 165 13.00 -13.26 -5.13
CA GLU B 165 13.77 -14.30 -5.79
C GLU B 165 12.87 -15.30 -6.54
N GLN B 166 11.75 -15.66 -5.93
CA GLN B 166 10.80 -16.59 -6.55
C GLN B 166 9.97 -15.94 -7.65
N ALA B 167 9.57 -14.69 -7.44
CA ALA B 167 8.85 -13.90 -8.43
C ALA B 167 9.64 -13.78 -9.74
N LEU B 168 10.96 -13.76 -9.61
CA LEU B 168 11.89 -13.71 -10.75
C LEU B 168 12.21 -15.06 -11.41
N ASP B 169 11.61 -16.14 -10.90
CA ASP B 169 11.84 -17.48 -11.49
C ASP B 169 10.98 -17.69 -12.74
N ARG B 170 11.39 -17.02 -13.83
CA ARG B 170 10.72 -17.07 -15.12
C ARG B 170 11.76 -16.69 -16.16
N PRO B 171 11.57 -17.09 -17.44
CA PRO B 171 12.59 -16.68 -18.41
C PRO B 171 12.56 -15.17 -18.66
N GLY B 172 13.71 -14.61 -19.02
CA GLY B 172 13.75 -13.22 -19.47
C GLY B 172 14.44 -12.23 -18.56
N GLY B 173 14.71 -12.63 -17.32
CA GLY B 173 15.48 -11.82 -16.38
C GLY B 173 14.76 -10.61 -15.80
N TRP B 174 13.43 -10.60 -15.86
CA TRP B 174 12.62 -9.53 -15.27
C TRP B 174 11.47 -10.11 -14.42
N LEU B 175 10.73 -9.21 -13.77
CA LEU B 175 9.62 -9.62 -12.92
C LEU B 175 8.39 -10.07 -13.71
N THR B 176 8.31 -9.65 -14.97
CA THR B 176 7.14 -9.95 -15.82
C THR B 176 7.54 -10.70 -17.09
N ASP B 177 6.53 -11.13 -17.85
CA ASP B 177 6.78 -11.85 -19.10
C ASP B 177 6.68 -10.92 -20.31
N GLY B 179 8.71 -8.86 -21.69
CA GLY B 179 9.88 -8.78 -22.57
C GLY B 179 10.76 -7.57 -22.39
N ARG B 180 10.56 -6.85 -21.29
CA ARG B 180 11.37 -5.67 -20.90
C ARG B 180 11.16 -5.33 -19.42
N TRP B 181 11.94 -4.39 -18.89
CA TRP B 181 11.70 -3.91 -17.52
C TRP B 181 10.33 -3.26 -17.39
N SER B 182 9.74 -3.39 -16.19
CA SER B 182 8.53 -2.70 -15.80
C SER B 182 8.89 -1.77 -14.64
N TYR B 183 7.96 -0.91 -14.21
CA TYR B 183 8.29 -0.02 -13.10
C TYR B 183 8.59 -0.76 -11.79
N ALA B 184 7.99 -1.93 -11.61
CA ALA B 184 8.26 -2.77 -10.43
C ALA B 184 9.73 -3.27 -10.41
N ASP B 185 10.29 -3.53 -11.59
CA ASP B 185 11.71 -3.88 -11.69
C ASP B 185 12.60 -2.73 -11.21
N LEU B 186 12.26 -1.50 -11.60
CA LEU B 186 13.03 -0.32 -11.14
C LEU B 186 12.90 -0.13 -9.64
N SER B 187 11.69 -0.30 -9.13
CA SER B 187 11.42 -0.19 -7.70
C SER B 187 12.19 -1.25 -6.92
N LEU B 188 12.29 -2.44 -7.49
CA LEU B 188 12.96 -3.56 -6.81
C LEU B 188 14.45 -3.26 -6.70
N TYR B 189 15.01 -2.75 -7.79
CA TYR B 189 16.39 -2.30 -7.77
C TYR B 189 16.58 -1.26 -6.65
N HIS B 190 15.65 -0.32 -6.54
CA HIS B 190 15.81 0.76 -5.58
C HIS B 190 15.71 0.29 -4.12
N VAL B 191 14.75 -0.58 -3.83
CA VAL B 191 14.63 -1.09 -2.46
C VAL B 191 15.90 -1.90 -2.06
N VAL B 192 16.53 -2.60 -3.02
CA VAL B 192 17.78 -3.30 -2.75
C VAL B 192 18.92 -2.28 -2.49
N GLU B 193 18.95 -1.19 -3.26
CA GLU B 193 19.91 -0.12 -2.99
C GLU B 193 19.75 0.42 -1.60
N GLY B 194 18.50 0.65 -1.21
CA GLY B 194 18.16 1.15 0.13
C GLY B 194 18.62 0.22 1.24
N LEU B 195 18.39 -1.08 1.07
CA LEU B 195 18.79 -2.07 2.07
C LEU B 195 20.31 -2.21 2.16
N LEU B 196 20.98 -2.14 1.00
CA LEU B 196 22.45 -2.16 0.94
C LEU B 196 23.05 -1.01 1.73
N HIS B 197 22.37 0.14 1.67
CA HIS B 197 22.84 1.31 2.38
C HIS B 197 22.57 1.20 3.89
N ALA B 198 21.35 0.79 4.25
CA ALA B 198 20.90 0.79 5.64
C ALA B 198 21.42 -0.38 6.48
N PHE B 199 21.58 -1.54 5.85
CA PHE B 199 21.89 -2.78 6.57
C PHE B 199 22.99 -3.52 5.85
N PRO B 200 24.15 -2.87 5.67
CA PRO B 200 25.25 -3.48 4.90
C PRO B 200 25.76 -4.80 5.49
N ARG B 201 25.82 -4.92 6.81
CA ARG B 201 26.26 -6.17 7.45
C ARG B 201 25.27 -7.30 7.22
N ARG B 202 23.98 -7.05 7.42
CA ARG B 202 22.96 -8.08 7.15
C ARG B 202 22.90 -8.47 5.68
N ARG B 204 25.42 -8.37 3.62
CA ARG B 204 26.59 -9.22 3.44
C ARG B 204 26.27 -10.71 3.68
N THR B 205 25.46 -10.99 4.70
CA THR B 205 25.01 -12.36 4.99
C THR B 205 24.04 -12.89 3.91
N LEU B 206 23.13 -12.03 3.48
CA LEU B 206 21.96 -12.48 2.74
C LEU B 206 22.12 -12.56 1.23
N VAL B 207 22.92 -11.69 0.63
CA VAL B 207 22.86 -11.51 -0.83
C VAL B 207 23.13 -12.77 -1.68
N HIS B 208 24.02 -13.65 -1.19
CA HIS B 208 24.35 -14.89 -1.90
C HIS B 208 23.13 -15.80 -2.08
N ARG B 209 22.15 -15.66 -1.20
CA ARG B 209 20.95 -16.48 -1.25
C ARG B 209 20.09 -16.18 -2.48
N TYR B 210 20.21 -14.96 -3.01
CA TYR B 210 19.26 -14.45 -3.99
C TYR B 210 19.93 -14.00 -5.32
N PRO B 211 20.52 -14.95 -6.06
CA PRO B 211 21.25 -14.60 -7.30
C PRO B 211 20.38 -13.92 -8.37
N ARG B 212 19.12 -14.34 -8.52
CA ARG B 212 18.24 -13.69 -9.52
C ARG B 212 17.92 -12.25 -9.12
N LEU B 213 17.62 -12.04 -7.84
CA LEU B 213 17.39 -10.70 -7.31
C LEU B 213 18.61 -9.78 -7.50
N ALA B 215 21.06 -10.27 -9.66
CA ALA B 215 21.17 -10.09 -11.10
C ALA B 215 20.24 -8.98 -11.58
N LEU B 216 19.00 -8.97 -11.09
CA LEU B 216 18.04 -7.94 -11.46
C LEU B 216 18.54 -6.56 -11.05
N HIS B 217 19.03 -6.47 -9.81
CA HIS B 217 19.56 -5.23 -9.26
C HIS B 217 20.68 -4.67 -10.15
N ALA B 218 21.61 -5.54 -10.52
CA ALA B 218 22.74 -5.15 -11.36
C ALA B 218 22.28 -4.76 -12.76
N ARG B 219 21.26 -5.44 -13.27
CA ARG B 219 20.75 -5.20 -14.61
C ARG B 219 20.16 -3.80 -14.72
N VAL B 220 19.33 -3.42 -13.74
CA VAL B 220 18.73 -2.09 -13.71
C VAL B 220 19.78 -1.01 -13.55
N ALA B 221 20.75 -1.26 -12.67
CA ALA B 221 21.84 -0.33 -12.44
C ALA B 221 22.58 0.01 -13.74
N GLU B 222 22.62 -0.94 -14.67
CA GLU B 222 23.32 -0.80 -15.95
C GLU B 222 22.47 -0.31 -17.14
N LEU B 223 21.17 -0.12 -16.95
CA LEU B 223 20.31 0.31 -18.06
C LEU B 223 20.79 1.61 -18.69
N PRO B 224 20.98 1.63 -20.03
CA PRO B 224 21.42 2.87 -20.69
C PRO B 224 20.46 4.03 -20.43
N GLU B 225 19.16 3.75 -20.31
CA GLU B 225 18.19 4.78 -20.02
C GLU B 225 18.25 5.36 -18.60
N LEU B 226 18.97 4.69 -17.69
CA LEU B 226 19.20 5.25 -16.35
C LEU B 226 20.59 5.82 -16.16
N ARG B 227 21.50 5.60 -17.12
CA ARG B 227 22.90 5.99 -16.98
C ARG B 227 23.07 7.47 -16.59
N GLY B 228 22.44 8.36 -17.37
CA GLY B 228 22.52 9.79 -17.16
C GLY B 228 22.02 10.19 -15.78
N TYR B 229 20.81 9.72 -15.45
CA TYR B 229 20.16 10.03 -14.16
C TYR B 229 20.98 9.62 -12.92
N LEU B 230 21.49 8.39 -12.94
CA LEU B 230 22.20 7.85 -11.77
C LEU B 230 23.56 8.53 -11.55
N ALA B 231 24.04 9.25 -12.57
CA ALA B 231 25.32 9.97 -12.49
C ALA B 231 25.10 11.47 -12.35
N SER B 232 23.84 11.90 -12.26
CA SER B 232 23.47 13.32 -12.23
C SER B 232 23.36 13.86 -10.80
N ASP B 233 23.20 15.18 -10.70
CA ASP B 233 22.89 15.85 -9.44
C ASP B 233 21.45 15.60 -9.01
N ARG B 234 20.65 15.04 -9.90
CA ARG B 234 19.24 14.78 -9.61
C ARG B 234 19.03 13.56 -8.70
N ARG B 235 20.02 12.69 -8.65
CA ARG B 235 19.99 11.52 -7.79
CA ARG B 235 19.97 11.52 -7.78
C ARG B 235 20.58 11.86 -6.42
N LEU B 236 19.71 12.04 -5.43
CA LEU B 236 20.16 12.37 -4.08
C LEU B 236 20.62 11.11 -3.35
N PRO B 237 21.72 11.20 -2.56
CA PRO B 237 22.13 10.04 -1.78
C PRO B 237 21.18 9.80 -0.60
N PHE B 238 21.19 8.58 -0.05
CA PHE B 238 20.42 8.31 1.16
C PHE B 238 21.03 9.11 2.30
N GLY B 239 20.20 9.45 3.28
CA GLY B 239 20.64 10.20 4.44
C GLY B 239 19.66 9.96 5.56
N ASP B 240 18.85 10.95 5.87
CA ASP B 240 17.88 10.81 6.93
C ASP B 240 16.46 10.73 6.41
N GLY B 241 16.29 9.87 5.41
CA GLY B 241 14.98 9.59 4.84
C GLY B 241 14.45 8.27 5.35
N ILE B 242 13.97 7.44 4.42
CA ILE B 242 13.43 6.11 4.70
C ILE B 242 14.54 5.13 5.07
N PHE B 243 15.57 5.07 4.21
CA PHE B 243 16.70 4.14 4.37
C PHE B 243 17.86 4.83 5.09
N ARG B 244 18.06 4.46 6.35
CA ARG B 244 19.03 5.14 7.20
C ARG B 244 20.04 4.16 7.73
N HIS B 245 21.31 4.49 7.61
CA HIS B 245 22.36 3.63 8.15
C HIS B 245 22.64 3.93 9.62
N TYR B 246 22.13 3.07 10.49
CA TYR B 246 22.43 3.11 11.92
C TYR B 246 23.16 1.81 12.27
N PRO B 247 24.46 1.89 12.59
CA PRO B 247 25.21 0.66 12.90
C PRO B 247 24.53 -0.20 13.98
N GLU B 248 23.91 0.46 14.97
CA GLU B 248 23.27 -0.26 16.09
C GLU B 248 22.05 -1.11 15.68
N LEU B 249 21.44 -0.78 14.54
CA LEU B 249 20.32 -1.55 14.01
C LEU B 249 20.75 -2.67 13.05
N ASP B 250 22.02 -2.68 12.64
CA ASP B 250 22.53 -3.69 11.72
C ASP B 250 23.06 -4.92 12.49
N GLY B 251 23.41 -5.98 11.75
CA GLY B 251 23.99 -7.19 12.33
C GLY B 251 24.11 -8.28 11.28
N ALA B 252 24.92 -9.30 11.56
CA ALA B 252 25.09 -10.42 10.63
C ALA B 252 23.77 -11.17 10.41
#